data_6YCR
#
_entry.id   6YCR
#
_cell.length_a   86.708
_cell.length_b   86.708
_cell.length_c   86.708
_cell.angle_alpha   90.000
_cell.angle_beta   90.000
_cell.angle_gamma   90.000
#
_symmetry.space_group_name_H-M   'P 2 3'
#
loop_
_entity.id
_entity.type
_entity.pdbx_description
1 polymer 'Programmed cell death 1 ligand 1'
2 polymer FFIVIRDRVFR(CCS)G(NH2)
3 water water
#
loop_
_entity_poly.entity_id
_entity_poly.type
_entity_poly.pdbx_seq_one_letter_code
_entity_poly.pdbx_strand_id
1 'polypeptide(L)'
;AFTVTVPKDLYVVEYGSNMTIECKFPVEKQLDLAALIVYWEMEDKNIIQFVHGEEDLKVQHSSYRQRARLLKDQLSLGNA
ALQITDVKLQDAGVYRCMISYGGADYKRITVKVNAPYAAALEHHHHHH
;
A
2 'polypeptide(L)' FFIVIRDRVFR(CCS)G(NH2) B
#
loop_
_chem_comp.id
_chem_comp.type
_chem_comp.name
_chem_comp.formula
NH2 non-polymer 'AMINO GROUP' 'H2 N'
#
# COMPACT_ATOMS: atom_id res chain seq x y z
N ALA A 1 -1.40 20.21 -4.77
CA ALA A 1 -0.64 19.62 -3.65
C ALA A 1 -0.32 18.14 -3.96
N PHE A 2 0.44 17.48 -3.10
CA PHE A 2 0.78 16.11 -3.38
C PHE A 2 -0.44 15.20 -3.22
N THR A 3 -0.85 14.53 -4.29
CA THR A 3 -2.10 13.76 -4.36
C THR A 3 -1.85 12.31 -4.80
N VAL A 4 -2.42 11.35 -4.07
CA VAL A 4 -2.47 9.94 -4.47
C VAL A 4 -3.83 9.66 -5.10
N THR A 5 -3.85 8.85 -6.18
CA THR A 5 -5.08 8.45 -6.82
C THR A 5 -5.13 6.95 -6.97
N VAL A 6 -6.34 6.43 -7.13
CA VAL A 6 -6.53 5.01 -7.39
C VAL A 6 -7.31 4.79 -8.67
N PRO A 7 -6.77 4.14 -9.72
N PRO A 7 -6.77 4.09 -9.69
CA PRO A 7 -7.55 3.88 -10.94
CA PRO A 7 -7.53 3.86 -10.91
C PRO A 7 -8.76 2.94 -10.74
C PRO A 7 -8.83 3.10 -10.60
N LYS A 8 -8.73 2.15 -9.66
CA LYS A 8 -9.81 1.24 -9.30
C LYS A 8 -9.84 1.23 -7.79
N ASP A 9 -11.01 1.51 -7.21
CA ASP A 9 -11.14 1.44 -5.75
C ASP A 9 -11.84 0.20 -5.24
N LEU A 10 -12.16 -0.71 -6.16
CA LEU A 10 -12.78 -2.00 -5.82
C LEU A 10 -12.21 -3.07 -6.73
N TYR A 11 -11.68 -4.12 -6.11
CA TYR A 11 -11.21 -5.31 -6.79
C TYR A 11 -12.02 -6.50 -6.32
N VAL A 12 -12.53 -7.28 -7.28
CA VAL A 12 -13.21 -8.55 -7.00
C VAL A 12 -12.29 -9.65 -7.50
N VAL A 13 -11.85 -10.51 -6.58
CA VAL A 13 -10.75 -11.46 -6.81
C VAL A 13 -11.25 -12.86 -6.49
N GLU A 14 -10.78 -13.85 -7.24
CA GLU A 14 -11.08 -15.25 -6.95
C GLU A 14 -10.18 -15.78 -5.84
N TYR A 15 -10.78 -16.55 -4.93
CA TYR A 15 -10.05 -17.24 -3.89
C TYR A 15 -8.88 -18.01 -4.53
N GLY A 16 -7.68 -17.86 -3.97
CA GLY A 16 -6.52 -18.61 -4.39
C GLY A 16 -5.72 -17.98 -5.51
N SER A 17 -6.27 -16.94 -6.15
CA SER A 17 -5.60 -16.25 -7.24
C SER A 17 -4.55 -15.31 -6.69
N ASN A 18 -3.88 -14.61 -7.60
CA ASN A 18 -2.98 -13.51 -7.25
C ASN A 18 -3.71 -12.22 -7.59
N MET A 19 -3.45 -11.17 -6.81
CA MET A 19 -4.00 -9.85 -7.11
C MET A 19 -2.92 -8.80 -7.00
N THR A 20 -3.03 -7.78 -7.85
CA THR A 20 -2.16 -6.61 -7.79
C THR A 20 -3.07 -5.40 -7.70
N ILE A 21 -2.95 -4.67 -6.59
CA ILE A 21 -3.77 -3.45 -6.36
C ILE A 21 -2.84 -2.24 -6.44
N GLU A 22 -3.32 -1.13 -7.00
CA GLU A 22 -2.38 -0.03 -7.28
C GLU A 22 -2.85 1.37 -6.87
N CYS A 23 -1.85 2.16 -6.70
N CYS A 23 -1.86 2.16 -6.62
CA CYS A 23 -2.10 3.54 -6.34
CA CYS A 23 -2.23 3.56 -6.47
C CYS A 23 -1.08 4.30 -7.12
C CYS A 23 -1.07 4.40 -6.91
N LYS A 24 -1.57 5.43 -7.50
CA LYS A 24 -0.68 6.34 -8.27
C LYS A 24 -0.25 7.57 -7.48
N PHE A 25 0.97 8.01 -7.72
CA PHE A 25 1.50 9.22 -7.06
C PHE A 25 2.32 10.00 -8.07
N PRO A 26 2.51 11.33 -7.88
N PRO A 26 2.49 11.34 -7.91
CA PRO A 26 3.26 12.12 -8.86
CA PRO A 26 3.32 12.11 -8.83
C PRO A 26 4.77 11.93 -8.80
C PRO A 26 4.81 11.80 -8.74
N VAL A 27 5.36 11.76 -9.98
N VAL A 27 5.47 11.75 -9.89
CA VAL A 27 6.81 11.58 -10.16
CA VAL A 27 6.93 11.63 -9.97
C VAL A 27 7.28 12.61 -11.16
C VAL A 27 7.46 12.33 -11.19
N GLU A 28 8.50 13.14 -10.97
CA GLU A 28 9.20 13.94 -11.98
C GLU A 28 10.70 13.65 -11.88
N LYS A 29 11.31 13.32 -13.01
CA LYS A 29 12.76 13.10 -13.10
C LYS A 29 13.18 12.09 -12.03
N GLN A 30 14.19 12.43 -11.21
CA GLN A 30 14.78 11.47 -10.27
C GLN A 30 13.74 11.12 -9.21
N LEU A 31 13.68 9.86 -8.82
CA LEU A 31 12.95 9.50 -7.63
C LEU A 31 14.01 9.10 -6.65
N ASP A 32 14.18 9.92 -5.61
CA ASP A 32 15.18 9.67 -4.60
C ASP A 32 14.58 8.73 -3.57
N LEU A 33 14.97 7.45 -3.63
CA LEU A 33 14.48 6.47 -2.68
C LEU A 33 14.71 6.88 -1.22
N ALA A 34 15.74 7.68 -0.96
CA ALA A 34 15.99 8.14 0.40
C ALA A 34 14.79 8.87 0.99
N ALA A 35 14.07 9.60 0.13
CA ALA A 35 12.96 10.47 0.56
C ALA A 35 11.55 9.88 0.45
N LEU A 36 11.45 8.73 -0.21
CA LEU A 36 10.17 8.11 -0.50
C LEU A 36 9.76 7.17 0.62
N ILE A 37 8.48 7.26 1.01
CA ILE A 37 7.85 6.27 1.88
C ILE A 37 6.66 5.70 1.17
N VAL A 38 6.57 4.36 1.12
CA VAL A 38 5.38 3.69 0.63
C VAL A 38 4.94 2.73 1.74
N TYR A 39 3.67 2.87 2.13
CA TYR A 39 3.07 2.05 3.19
CA TYR A 39 3.05 2.11 3.18
C TYR A 39 1.77 1.47 2.66
N TRP A 40 1.59 0.17 2.90
CA TRP A 40 0.32 -0.53 2.68
C TRP A 40 -0.09 -1.21 3.97
N GLU A 41 -1.38 -1.07 4.31
CA GLU A 41 -1.95 -1.69 5.50
CA GLU A 41 -1.94 -1.60 5.54
C GLU A 41 -3.35 -2.12 5.20
N MET A 42 -3.84 -3.02 6.05
CA MET A 42 -5.25 -3.36 6.06
C MET A 42 -5.67 -3.60 7.49
N GLU A 43 -6.71 -2.86 7.92
CA GLU A 43 -7.19 -2.97 9.29
C GLU A 43 -6.01 -2.60 10.22
N ASP A 44 -5.68 -3.45 11.19
CA ASP A 44 -4.58 -3.16 12.09
C ASP A 44 -3.29 -3.83 11.64
N LYS A 45 -3.22 -4.25 10.37
CA LYS A 45 -2.16 -5.12 9.89
C LYS A 45 -1.23 -4.44 8.91
N ASN A 46 0.06 -4.48 9.23
N ASN A 46 0.06 -4.36 9.24
CA ASN A 46 1.12 -3.89 8.43
CA ASN A 46 0.99 -3.80 8.27
C ASN A 46 1.45 -4.85 7.24
C ASN A 46 1.28 -4.86 7.22
N ILE A 47 1.32 -4.40 5.98
CA ILE A 47 1.65 -5.23 4.82
C ILE A 47 3.02 -4.86 4.23
N ILE A 48 3.19 -3.56 3.89
CA ILE A 48 4.45 -3.04 3.38
C ILE A 48 4.79 -1.78 4.13
N GLN A 49 6.05 -1.68 4.58
CA GLN A 49 6.63 -0.45 5.12
CA GLN A 49 6.60 -0.44 5.10
C GLN A 49 7.96 -0.27 4.42
N PHE A 50 7.97 0.59 3.39
CA PHE A 50 9.10 0.77 2.49
C PHE A 50 9.62 2.16 2.76
N VAL A 51 10.79 2.24 3.42
CA VAL A 51 11.36 3.50 3.92
C VAL A 51 12.85 3.52 3.58
N HIS A 52 13.31 4.63 2.97
CA HIS A 52 14.69 4.84 2.56
C HIS A 52 15.15 3.65 1.71
N GLY A 53 14.25 3.16 0.86
CA GLY A 53 14.52 2.09 -0.08
C GLY A 53 14.56 0.68 0.53
N GLU A 54 14.21 0.53 1.82
CA GLU A 54 14.25 -0.74 2.55
C GLU A 54 12.86 -1.12 3.07
N GLU A 55 12.51 -2.40 3.01
CA GLU A 55 11.29 -2.91 3.62
C GLU A 55 11.62 -3.38 5.02
N ASP A 56 10.83 -2.95 6.00
CA ASP A 56 10.96 -3.48 7.35
C ASP A 56 10.00 -4.66 7.52
N LEU A 57 10.54 -5.87 7.44
CA LEU A 57 9.71 -7.08 7.58
C LEU A 57 9.37 -7.43 9.03
N LYS A 58 10.12 -6.85 9.98
CA LYS A 58 9.86 -7.04 11.40
C LYS A 58 8.46 -6.58 11.80
N VAL A 59 7.95 -5.54 11.12
CA VAL A 59 6.64 -4.98 11.39
C VAL A 59 5.52 -5.62 10.55
N GLN A 60 5.89 -6.39 9.52
CA GLN A 60 4.90 -7.01 8.64
C GLN A 60 4.09 -8.06 9.41
N HIS A 61 2.78 -8.04 9.22
CA HIS A 61 1.91 -9.01 9.82
C HIS A 61 2.19 -10.40 9.27
N SER A 62 2.11 -11.40 10.15
CA SER A 62 2.45 -12.78 9.83
C SER A 62 1.64 -13.36 8.67
N SER A 63 0.40 -12.89 8.51
CA SER A 63 -0.51 -13.42 7.50
C SER A 63 -0.11 -13.06 6.08
N TYR A 64 0.74 -12.05 5.94
CA TYR A 64 1.21 -11.57 4.65
C TYR A 64 2.67 -12.03 4.36
N ARG A 65 3.31 -12.71 5.33
CA ARG A 65 4.68 -13.16 5.18
C ARG A 65 4.80 -14.07 3.94
N GLN A 66 5.76 -13.73 3.08
CA GLN A 66 6.03 -14.44 1.84
C GLN A 66 4.94 -14.40 0.77
N ARG A 67 3.90 -13.58 0.97
N ARG A 67 3.91 -13.56 0.93
CA ARG A 67 2.75 -13.44 0.08
CA ARG A 67 2.85 -13.47 -0.06
C ARG A 67 2.62 -12.07 -0.54
C ARG A 67 2.59 -12.06 -0.54
N ALA A 68 3.25 -11.07 0.06
CA ALA A 68 3.06 -9.68 -0.28
C ALA A 68 4.35 -9.05 -0.77
N ARG A 69 4.25 -8.32 -1.87
CA ARG A 69 5.41 -7.72 -2.53
C ARG A 69 5.01 -6.37 -3.09
N LEU A 70 5.86 -5.37 -2.87
CA LEU A 70 5.77 -4.11 -3.61
C LEU A 70 6.51 -4.27 -4.92
N LEU A 71 5.86 -3.92 -6.02
CA LEU A 71 6.48 -4.06 -7.36
C LEU A 71 7.34 -2.82 -7.61
N LYS A 72 8.59 -2.85 -7.12
N LYS A 72 8.64 -2.93 -7.34
CA LYS A 72 9.36 -1.62 -6.97
CA LYS A 72 9.52 -1.76 -7.29
C LYS A 72 9.77 -1.03 -8.30
C LYS A 72 9.92 -1.20 -8.66
N ASP A 73 9.77 -1.86 -9.35
N ASP A 73 9.89 -2.01 -9.73
CA ASP A 73 9.96 -1.42 -10.73
CA ASP A 73 10.24 -1.50 -11.04
C ASP A 73 8.89 -0.45 -11.22
C ASP A 73 9.15 -0.64 -11.67
N GLN A 74 7.70 -0.49 -10.61
N GLN A 74 8.07 -0.42 -10.90
CA GLN A 74 6.59 0.37 -10.96
CA GLN A 74 6.97 0.46 -11.30
C GLN A 74 6.75 1.76 -10.38
C GLN A 74 6.94 1.82 -10.56
N LEU A 75 7.71 1.95 -9.48
CA LEU A 75 7.79 3.21 -8.74
C LEU A 75 8.20 4.36 -9.67
N SER A 76 9.06 4.08 -10.65
N SER A 76 9.08 4.06 -10.63
CA SER A 76 9.51 5.13 -11.57
CA SER A 76 9.53 5.03 -11.65
C SER A 76 8.36 5.65 -12.45
C SER A 76 8.35 5.65 -12.39
N LEU A 77 7.31 4.84 -12.59
CA LEU A 77 6.10 5.21 -13.33
C LEU A 77 5.08 5.95 -12.46
N GLY A 78 5.41 6.16 -11.17
CA GLY A 78 4.45 6.71 -10.22
C GLY A 78 3.37 5.73 -9.78
N ASN A 79 3.72 4.45 -9.71
N ASN A 79 3.68 4.44 -9.83
CA ASN A 79 2.75 3.41 -9.36
CA ASN A 79 2.78 3.38 -9.38
C ASN A 79 3.28 2.60 -8.18
C ASN A 79 3.35 2.73 -8.13
N ALA A 80 2.54 2.67 -7.06
CA ALA A 80 2.80 1.85 -5.87
C ALA A 80 1.84 0.65 -5.99
N ALA A 81 2.39 -0.43 -6.48
CA ALA A 81 1.63 -1.64 -6.75
C ALA A 81 1.95 -2.72 -5.75
N LEU A 82 0.92 -3.20 -5.05
CA LEU A 82 1.00 -4.27 -4.09
C LEU A 82 0.48 -5.55 -4.71
N GLN A 83 1.34 -6.55 -4.81
CA GLN A 83 0.94 -7.89 -5.24
C GLN A 83 0.82 -8.80 -4.06
N ILE A 84 -0.35 -9.44 -3.96
CA ILE A 84 -0.62 -10.46 -2.96
C ILE A 84 -0.87 -11.75 -3.68
N THR A 85 -0.11 -12.80 -3.35
N THR A 85 -0.06 -12.75 -3.33
CA THR A 85 -0.34 -14.11 -3.92
CA THR A 85 -0.05 -14.08 -3.90
C THR A 85 -1.23 -14.97 -3.04
C THR A 85 -0.91 -15.01 -3.04
N ASP A 86 -1.79 -16.03 -3.63
N ASP A 86 -1.71 -15.86 -3.70
CA ASP A 86 -2.58 -17.03 -2.93
CA ASP A 86 -2.47 -16.88 -3.02
C ASP A 86 -3.65 -16.36 -2.05
C ASP A 86 -3.53 -16.25 -2.09
N VAL A 87 -4.48 -15.54 -2.70
CA VAL A 87 -5.45 -14.73 -1.97
C VAL A 87 -6.39 -15.61 -1.12
N LYS A 88 -6.52 -15.23 0.15
CA LYS A 88 -7.36 -15.91 1.13
C LYS A 88 -8.70 -15.20 1.28
N LEU A 89 -9.70 -15.91 1.81
CA LEU A 89 -10.97 -15.24 2.14
C LEU A 89 -10.75 -14.05 3.09
N GLN A 90 -9.78 -14.19 4.00
CA GLN A 90 -9.47 -13.19 5.00
C GLN A 90 -8.80 -11.93 4.43
N ASP A 91 -8.36 -12.02 3.18
CA ASP A 91 -7.77 -10.88 2.50
C ASP A 91 -8.80 -9.86 2.03
N ALA A 92 -10.09 -10.21 2.12
CA ALA A 92 -11.13 -9.26 1.77
C ALA A 92 -11.18 -8.19 2.84
N GLY A 93 -11.32 -6.94 2.38
CA GLY A 93 -11.47 -5.82 3.29
C GLY A 93 -10.94 -4.55 2.69
N VAL A 94 -10.67 -3.57 3.55
CA VAL A 94 -10.25 -2.24 3.10
C VAL A 94 -8.76 -2.07 3.31
N TYR A 95 -8.04 -1.83 2.21
CA TYR A 95 -6.61 -1.58 2.20
C TYR A 95 -6.39 -0.08 2.11
N ARG A 96 -5.27 0.37 2.70
N ARG A 96 -5.34 0.39 2.79
CA ARG A 96 -4.84 1.76 2.64
CA ARG A 96 -4.90 1.75 2.57
C ARG A 96 -3.44 1.78 2.00
C ARG A 96 -3.44 1.79 2.15
N CYS A 97 -3.24 2.64 0.99
N CYS A 97 -3.24 2.61 1.11
CA CYS A 97 -1.90 2.95 0.54
CA CYS A 97 -1.95 2.94 0.50
C CYS A 97 -1.61 4.36 0.92
C CYS A 97 -1.60 4.37 0.89
N MET A 98 -0.45 4.56 1.54
CA MET A 98 0.03 5.89 1.89
C MET A 98 1.40 6.06 1.20
N ILE A 99 1.55 7.19 0.50
CA ILE A 99 2.83 7.54 -0.10
C ILE A 99 3.23 8.93 0.38
N SER A 100 4.52 9.07 0.72
CA SER A 100 5.11 10.35 1.10
C SER A 100 6.35 10.60 0.23
N TYR A 101 6.39 11.79 -0.35
CA TYR A 101 7.54 12.26 -1.10
C TYR A 101 7.48 13.79 -1.00
N GLY A 102 7.93 14.29 0.16
CA GLY A 102 7.71 15.65 0.59
C GLY A 102 6.33 15.73 1.18
N GLY A 103 5.33 15.92 0.32
CA GLY A 103 3.93 15.79 0.69
C GLY A 103 3.54 14.36 0.91
N ALA A 104 2.39 14.14 1.56
CA ALA A 104 1.89 12.80 1.80
C ALA A 104 0.38 12.73 1.57
N ASP A 105 -0.06 11.56 1.08
CA ASP A 105 -1.48 11.31 0.89
C ASP A 105 -1.73 9.81 1.01
N TYR A 106 -3.01 9.47 1.09
N TYR A 106 -2.98 9.42 1.27
CA TYR A 106 -3.46 8.11 1.04
CA TYR A 106 -3.37 8.00 1.35
C TYR A 106 -4.76 7.94 0.36
C TYR A 106 -4.79 7.81 0.75
N LYS A 107 -5.02 6.68 0.05
CA LYS A 107 -6.31 6.28 -0.47
C LYS A 107 -6.68 4.89 0.03
N ARG A 108 -7.98 4.63 -0.02
N ARG A 108 -7.98 4.59 0.00
CA ARG A 108 -8.62 3.35 0.29
CA ARG A 108 -8.51 3.31 0.43
C ARG A 108 -8.85 2.54 -0.97
C ARG A 108 -9.01 2.53 -0.82
N ILE A 109 -8.73 1.22 -0.82
CA ILE A 109 -9.14 0.28 -1.88
C ILE A 109 -9.84 -0.88 -1.17
N THR A 110 -11.01 -1.24 -1.68
N THR A 110 -11.04 -1.24 -1.63
CA THR A 110 -11.77 -2.38 -1.20
CA THR A 110 -11.72 -2.40 -1.08
C THR A 110 -11.44 -3.60 -2.05
C THR A 110 -11.56 -3.62 -2.00
N VAL A 111 -11.21 -4.73 -1.37
CA VAL A 111 -11.05 -6.03 -2.02
C VAL A 111 -12.18 -6.94 -1.54
N LYS A 112 -12.86 -7.55 -2.51
CA LYS A 112 -13.83 -8.60 -2.29
C LYS A 112 -13.27 -9.88 -2.86
N VAL A 113 -13.43 -10.99 -2.12
CA VAL A 113 -12.92 -12.29 -2.55
C VAL A 113 -14.10 -13.23 -2.76
N ASN A 114 -14.21 -13.79 -3.97
CA ASN A 114 -15.24 -14.78 -4.29
C ASN A 114 -14.81 -16.15 -3.78
N ALA A 115 -15.61 -16.72 -2.89
CA ALA A 115 -15.36 -18.02 -2.32
C ALA A 115 -15.45 -19.07 -3.42
N PRO A 116 -14.76 -20.21 -3.24
CA PRO A 116 -14.77 -21.26 -4.26
C PRO A 116 -16.15 -21.84 -4.42
N TYR A 117 -16.56 -21.95 -5.68
CA TYR A 117 -17.88 -22.45 -6.02
C TYR A 117 -17.75 -23.18 -7.35
N ALA A 118 -18.29 -24.40 -7.40
CA ALA A 118 -18.26 -25.21 -8.62
C ALA A 118 -19.47 -24.88 -9.47
N ALA A 119 -19.20 -24.48 -10.71
CA ALA A 119 -20.21 -24.05 -11.70
C ALA A 119 -21.34 -25.06 -11.92
N PHE B 1 7.88 7.58 11.16
N PHE B 1 9.55 7.41 11.84
CA PHE B 1 7.05 8.66 10.66
CA PHE B 1 8.72 8.55 11.46
C PHE B 1 5.73 8.68 11.44
C PHE B 1 7.35 8.48 12.11
N PHE B 2 5.13 9.87 11.50
N PHE B 2 6.72 9.64 12.23
CA PHE B 2 3.80 10.08 12.06
CA PHE B 2 5.36 9.76 12.78
C PHE B 2 3.16 11.15 11.20
C PHE B 2 4.66 10.92 12.09
N ILE B 3 2.24 10.71 10.34
N ILE B 3 3.67 10.59 11.26
CA ILE B 3 1.66 11.49 9.24
CA ILE B 3 2.93 11.63 10.58
C ILE B 3 0.15 11.42 9.36
C ILE B 3 1.45 11.37 10.73
N VAL B 4 -0.49 12.58 9.23
N VAL B 4 0.66 12.44 10.55
CA VAL B 4 -1.93 12.68 9.33
CA VAL B 4 -0.77 12.38 10.58
C VAL B 4 -2.45 13.26 8.02
C VAL B 4 -1.29 12.83 9.23
N ILE B 5 -3.39 12.53 7.42
N ILE B 5 -2.16 12.03 8.63
CA ILE B 5 -4.04 12.89 6.18
CA ILE B 5 -2.86 12.40 7.41
C ILE B 5 -5.55 12.77 6.38
C ILE B 5 -4.36 12.23 7.67
N ARG B 6 -6.27 13.89 6.28
N ARG B 6 -5.06 13.36 7.80
CA ARG B 6 -7.72 13.90 6.45
CA ARG B 6 -6.48 13.40 8.08
C ARG B 6 -8.15 13.14 7.70
C ARG B 6 -6.83 12.58 9.29
N ASP B 7 -7.46 13.43 8.81
N ASP B 7 -7.44 11.41 9.08
CA ASP B 7 -7.79 12.94 10.13
CA ASP B 7 -7.95 10.60 10.17
C ASP B 7 -7.52 11.44 10.30
C ASP B 7 -7.06 9.45 10.59
N ARG B 8 -6.87 10.82 9.30
N ARG B 8 -5.83 9.39 10.05
CA ARG B 8 -6.35 9.45 9.48
CA ARG B 8 -4.93 8.28 10.34
C ARG B 8 -4.86 9.51 9.75
C ARG B 8 -3.54 8.76 10.73
N VAL B 9 -4.44 8.70 10.71
N VAL B 9 -2.93 8.03 11.67
CA VAL B 9 -3.08 8.67 11.20
CA VAL B 9 -1.51 8.11 11.95
C VAL B 9 -2.35 7.44 10.65
C VAL B 9 -0.77 7.05 11.17
N PHE B 10 -1.14 7.67 10.16
N PHE B 10 0.42 7.42 10.68
CA PHE B 10 -0.20 6.67 9.67
CA PHE B 10 1.36 6.46 10.10
C PHE B 10 1.10 6.77 10.47
C PHE B 10 2.69 6.64 10.81
N ARG B 11 1.50 5.66 11.07
N ARG B 11 3.29 5.53 11.25
CA ARG B 11 2.67 5.60 11.96
CA ARG B 11 4.52 5.59 11.97
C ARG B 11 3.57 4.43 11.58
C ARG B 11 5.40 4.37 11.73
N CCS B 12 4.88 4.61 11.77
N CCS B 12 6.70 4.54 11.97
CA CCS B 12 5.81 3.49 11.62
CA CCS B 12 7.66 3.44 11.78
CB CCS B 12 7.26 3.99 11.58
CB CCS B 12 9.07 3.96 11.89
SG CCS B 12 7.81 4.85 13.06
SG CCS B 12 9.45 4.67 13.51
CD CCS B 12 8.77 6.16 12.92
CD CCS B 12 10.56 5.82 13.39
CE CCS B 12 8.23 7.51 12.45
CE CCS B 12 9.86 7.17 13.12
OZ1 CCS B 12 8.15 8.48 13.22
OZ1 CCS B 12 9.63 7.96 14.03
C CCS B 12 5.59 2.51 12.78
C CCS B 12 7.46 2.29 12.77
O CCS B 12 6.02 2.77 13.92
O CCS B 12 8.20 1.27 12.68
N GLY B 13 6.12 1.67 12.23
N GLY B 13 6.31 1.52 12.66
CA GLY B 13 6.44 0.35 12.83
CA GLY B 13 6.57 0.35 13.50
C GLY B 13 5.25 -0.33 13.46
C GLY B 13 5.31 -0.49 13.71
N NH2 B 14 4.34 -0.81 12.63
N NH2 B 14 5.35 -1.31 14.76
#